data_1WUD
#
_entry.id   1WUD
#
_cell.length_a   38.304
_cell.length_b   64.611
_cell.length_c   98.114
_cell.angle_alpha   90.00
_cell.angle_beta   90.00
_cell.angle_gamma   90.00
#
_symmetry.space_group_name_H-M   'P 21 21 21'
#
loop_
_entity.id
_entity.type
_entity.pdbx_description
1 polymer 'ATP-dependent DNA helicase recQ'
2 water water
#
_entity_poly.entity_id   1
_entity_poly.type   'polypeptide(L)'
_entity_poly.pdbx_seq_one_letter_code
;GSHQKSFGGNYDRKLFAKLRKLRKSIADESNVPPYVVFNDATLIE(MSE)AEQ(MSE)PITASE(MSE)LSVNGVG
(MSE)RKLERFGKPF(MSE)ALIRAHVDGDDEE
;
_entity_poly.pdbx_strand_id   A,B,D
#
# COMPACT_ATOMS: atom_id res chain seq x y z
N ASN A 10 25.41 13.47 -17.99
CA ASN A 10 24.71 13.81 -16.72
C ASN A 10 23.55 12.88 -16.44
N TYR A 11 23.28 12.65 -15.17
CA TYR A 11 22.24 11.72 -14.74
C TYR A 11 21.05 12.48 -14.15
N ASP A 12 19.88 11.84 -14.17
CA ASP A 12 18.68 12.37 -13.53
C ASP A 12 18.81 12.22 -12.01
N ARG A 13 18.93 13.35 -11.33
CA ARG A 13 19.20 13.35 -9.89
C ARG A 13 17.97 12.94 -9.10
N LYS A 14 16.81 13.28 -9.64
CA LYS A 14 15.54 12.86 -9.05
C LYS A 14 15.40 11.34 -9.08
N LEU A 15 15.78 10.72 -10.19
CA LEU A 15 15.74 9.27 -10.31
C LEU A 15 16.80 8.59 -9.44
N PHE A 16 18.00 9.17 -9.38
CA PHE A 16 19.06 8.63 -8.52
C PHE A 16 18.64 8.57 -7.06
N ALA A 17 18.01 9.65 -6.58
CA ALA A 17 17.50 9.69 -5.20
C ALA A 17 16.38 8.64 -4.95
N LYS A 18 15.55 8.39 -5.96
CA LYS A 18 14.53 7.34 -5.87
C LYS A 18 15.18 5.97 -5.79
N LEU A 19 16.20 5.75 -6.62
CA LEU A 19 16.90 4.47 -6.67
C LEU A 19 17.64 4.21 -5.36
N ARG A 20 18.14 5.28 -4.77
CA ARG A 20 18.81 5.24 -3.48
C ARG A 20 17.85 4.79 -2.37
N LYS A 21 16.64 5.35 -2.36
CA LYS A 21 15.60 5.00 -1.38
C LYS A 21 15.10 3.56 -1.58
N LEU A 22 14.95 3.14 -2.83
CA LEU A 22 14.55 1.77 -3.11
C LEU A 22 15.61 0.79 -2.63
N ARG A 23 16.88 1.08 -2.95
CA ARG A 23 17.98 0.23 -2.51
C ARG A 23 18.05 0.11 -0.99
N LYS A 24 17.90 1.24 -0.29
CA LYS A 24 17.90 1.22 1.17
C LYS A 24 16.80 0.29 1.70
N SER A 25 15.61 0.42 1.12
CA SER A 25 14.46 -0.39 1.50
C SER A 25 14.70 -1.90 1.35
N ILE A 26 15.23 -2.30 0.19
CA ILE A 26 15.49 -3.71 -0.12
C ILE A 26 16.65 -4.24 0.71
N ALA A 27 17.69 -3.42 0.88
CA ALA A 27 18.84 -3.80 1.70
C ALA A 27 18.47 -3.99 3.17
N ASP A 28 17.70 -3.04 3.72
CA ASP A 28 17.20 -3.12 5.10
C ASP A 28 16.34 -4.38 5.31
N GLU A 29 15.46 -4.64 4.35
CA GLU A 29 14.61 -5.82 4.36
C GLU A 29 15.43 -7.11 4.47
N SER A 30 16.49 -7.20 3.67
CA SER A 30 17.31 -8.41 3.56
C SER A 30 18.43 -8.47 4.60
N ASN A 31 18.57 -7.40 5.40
CA ASN A 31 19.72 -7.22 6.29
C ASN A 31 21.10 -7.42 5.62
N VAL A 32 21.34 -6.62 4.58
CA VAL A 32 22.65 -6.58 3.93
C VAL A 32 23.06 -5.12 3.76
N PRO A 33 24.38 -4.87 3.63
CA PRO A 33 24.87 -3.53 3.27
C PRO A 33 24.28 -3.10 1.92
N PRO A 34 23.91 -1.83 1.78
CA PRO A 34 23.31 -1.34 0.53
C PRO A 34 24.05 -1.77 -0.75
N TYR A 35 25.38 -1.72 -0.75
CA TYR A 35 26.17 -2.10 -1.94
C TYR A 35 25.94 -3.54 -2.40
N VAL A 36 25.62 -4.42 -1.46
CA VAL A 36 25.31 -5.81 -1.78
C VAL A 36 24.10 -5.92 -2.73
N VAL A 37 23.19 -4.96 -2.66
CA VAL A 37 22.13 -4.84 -3.66
C VAL A 37 22.73 -4.27 -4.95
N PHE A 38 23.04 -2.98 -4.96
CA PHE A 38 23.80 -2.34 -6.04
C PHE A 38 24.64 -1.24 -5.41
N ASN A 39 25.88 -1.09 -5.85
CA ASN A 39 26.71 0.00 -5.35
C ASN A 39 26.28 1.35 -5.96
N ASP A 40 26.84 2.44 -5.44
CA ASP A 40 26.46 3.80 -5.86
C ASP A 40 26.73 4.04 -7.35
N ALA A 41 27.85 3.54 -7.85
CA ALA A 41 28.25 3.74 -9.24
C ALA A 41 27.28 3.07 -10.21
N THR A 42 26.75 1.92 -9.81
CA THR A 42 25.76 1.21 -10.60
C THR A 42 24.43 1.99 -10.69
N LEU A 43 23.97 2.46 -9.53
CA LEU A 43 22.78 3.31 -9.45
C LEU A 43 22.89 4.55 -10.31
N ILE A 44 24.06 5.18 -10.29
CA ILE A 44 24.30 6.37 -11.09
C ILE A 44 24.21 6.03 -12.58
N GLU A 45 24.82 4.91 -12.97
CA GLU A 45 24.71 4.42 -14.35
C GLU A 45 23.25 4.16 -14.72
N ALA A 47 20.66 5.73 -13.40
CA ALA A 47 20.09 7.06 -13.54
C ALA A 47 20.52 7.77 -14.83
N GLU A 48 21.66 7.34 -15.39
CA GLU A 48 22.16 7.85 -16.68
C GLU A 48 21.50 7.13 -17.86
N GLN A 49 21.43 5.80 -17.78
CA GLN A 49 20.99 4.98 -18.93
C GLN A 49 19.50 4.66 -18.89
N PRO A 51 17.68 1.97 -17.65
CA PRO A 51 17.38 0.64 -18.20
C PRO A 51 15.98 0.21 -17.84
N ILE A 52 15.30 -0.40 -18.79
CA ILE A 52 13.88 -0.69 -18.67
C ILE A 52 13.57 -2.16 -18.99
N THR A 53 14.54 -2.86 -19.61
CA THR A 53 14.40 -4.29 -19.92
C THR A 53 15.56 -5.08 -19.32
N ALA A 54 15.40 -6.41 -19.29
CA ALA A 54 16.46 -7.31 -18.83
C ALA A 54 17.80 -7.04 -19.55
N SER A 55 17.75 -6.97 -20.88
CA SER A 55 18.94 -6.74 -21.70
C SER A 55 19.66 -5.46 -21.33
N GLU A 56 18.89 -4.38 -21.18
CA GLU A 56 19.45 -3.08 -20.81
C GLU A 56 20.06 -3.08 -19.42
N LEU A 58 21.39 -5.69 -17.91
CA LEU A 58 22.62 -6.49 -18.03
C LEU A 58 23.77 -5.70 -18.67
N SER A 59 23.44 -4.61 -19.37
CA SER A 59 24.46 -3.74 -19.94
C SER A 59 25.11 -2.85 -18.90
N VAL A 60 24.50 -2.80 -17.72
CA VAL A 60 24.97 -1.93 -16.65
C VAL A 60 26.03 -2.63 -15.81
N ASN A 61 27.17 -1.96 -15.63
CA ASN A 61 28.24 -2.43 -14.75
C ASN A 61 27.73 -2.78 -13.36
N GLY A 62 28.12 -3.96 -12.86
CA GLY A 62 27.73 -4.40 -11.54
C GLY A 62 26.39 -5.12 -11.51
N VAL A 63 25.80 -5.32 -12.68
CA VAL A 63 24.55 -6.07 -12.81
C VAL A 63 24.76 -7.29 -13.69
N GLY A 64 24.77 -8.45 -13.08
CA GLY A 64 24.78 -9.71 -13.81
C GLY A 64 23.43 -10.38 -13.67
N ARG A 66 22.41 -12.87 -11.79
CA ARG A 66 22.02 -13.14 -10.41
C ARG A 66 21.30 -11.93 -9.77
N LYS A 67 21.92 -10.76 -9.86
CA LYS A 67 21.36 -9.53 -9.31
C LYS A 67 20.08 -9.12 -10.04
N LEU A 68 20.03 -9.40 -11.35
CA LEU A 68 18.83 -9.15 -12.14
C LEU A 68 17.66 -10.01 -11.65
N GLU A 69 17.91 -11.30 -11.45
CA GLU A 69 16.93 -12.21 -10.88
C GLU A 69 16.45 -11.74 -9.50
N ARG A 70 17.39 -11.39 -8.63
CA ARG A 70 17.10 -11.06 -7.24
C ARG A 70 16.46 -9.69 -7.05
N PHE A 71 16.99 -8.68 -7.75
CA PHE A 71 16.64 -7.27 -7.50
C PHE A 71 16.12 -6.52 -8.72
N GLY A 72 16.12 -7.18 -9.88
CA GLY A 72 15.88 -6.51 -11.15
C GLY A 72 14.50 -5.90 -11.29
N LYS A 73 13.47 -6.71 -11.02
CA LYS A 73 12.08 -6.32 -11.21
C LYS A 73 11.73 -4.96 -10.57
N PRO A 74 11.94 -4.81 -9.26
CA PRO A 74 11.58 -3.55 -8.58
C PRO A 74 12.32 -2.33 -9.15
N PHE A 75 13.60 -2.47 -9.48
CA PHE A 75 14.36 -1.36 -10.03
C PHE A 75 13.86 -0.96 -11.42
N ALA A 77 10.81 -1.56 -12.60
CA ALA A 77 9.49 -0.94 -12.36
C ALA A 77 9.62 0.53 -11.99
N LEU A 78 10.59 0.84 -11.13
CA LEU A 78 10.81 2.21 -10.68
C LEU A 78 11.30 3.11 -11.84
N ILE A 79 12.26 2.60 -12.61
CA ILE A 79 12.78 3.36 -13.73
C ILE A 79 11.71 3.58 -14.80
N ARG A 80 10.98 2.52 -15.15
CA ARG A 80 9.89 2.60 -16.13
C ARG A 80 8.83 3.63 -15.76
N ALA A 81 8.48 3.68 -14.47
CA ALA A 81 7.49 4.62 -13.96
C ALA A 81 8.03 6.05 -14.02
N HIS A 82 9.31 6.20 -13.73
CA HIS A 82 9.93 7.52 -13.75
C HIS A 82 9.97 8.12 -15.15
N VAL A 83 10.43 7.32 -16.13
CA VAL A 83 10.58 7.78 -17.51
C VAL A 83 9.22 8.12 -18.16
N ASP A 84 8.16 7.51 -17.64
CA ASP A 84 6.81 7.79 -18.11
C ASP A 84 6.15 8.92 -17.31
N GLY A 85 6.83 9.39 -16.27
CA GLY A 85 6.30 10.42 -15.38
C GLY A 85 5.19 9.91 -14.48
N ASP A 86 5.15 8.60 -14.29
CA ASP A 86 4.09 7.94 -13.54
C ASP A 86 4.41 7.90 -12.05
N TYR B 11 -16.33 -10.57 2.15
CA TYR B 11 -17.03 -9.42 2.78
C TYR B 11 -18.05 -8.75 1.86
N ASP B 12 -19.03 -8.08 2.47
CA ASP B 12 -20.03 -7.30 1.76
C ASP B 12 -19.44 -5.98 1.25
N ARG B 13 -19.36 -5.84 -0.08
CA ARG B 13 -18.70 -4.70 -0.73
C ARG B 13 -19.53 -3.41 -0.62
N LYS B 14 -20.85 -3.55 -0.68
CA LYS B 14 -21.75 -2.40 -0.59
C LYS B 14 -21.79 -1.86 0.85
N LEU B 15 -21.64 -2.75 1.82
CA LEU B 15 -21.55 -2.34 3.21
C LEU B 15 -20.22 -1.63 3.47
N PHE B 16 -19.14 -2.19 2.93
CA PHE B 16 -17.82 -1.60 3.08
C PHE B 16 -17.82 -0.17 2.54
N ALA B 17 -18.45 0.04 1.38
CA ALA B 17 -18.64 1.38 0.82
C ALA B 17 -19.39 2.31 1.77
N LYS B 18 -20.51 1.83 2.31
CA LYS B 18 -21.30 2.61 3.27
C LYS B 18 -20.48 2.95 4.53
N LEU B 19 -19.73 1.97 5.04
CA LEU B 19 -18.85 2.18 6.20
C LEU B 19 -17.78 3.25 5.94
N ARG B 20 -17.24 3.25 4.72
CA ARG B 20 -16.25 4.26 4.34
C ARG B 20 -16.85 5.67 4.32
N LYS B 21 -18.09 5.79 3.82
CA LYS B 21 -18.80 7.06 3.77
C LYS B 21 -19.08 7.63 5.17
N LEU B 22 -19.56 6.77 6.07
CA LEU B 22 -19.80 7.18 7.45
C LEU B 22 -18.48 7.61 8.11
N ARG B 23 -17.42 6.84 7.90
CA ARG B 23 -16.10 7.17 8.45
C ARG B 23 -15.61 8.54 7.97
N LYS B 24 -15.78 8.80 6.67
CA LYS B 24 -15.36 10.06 6.06
C LYS B 24 -16.11 11.22 6.68
N SER B 25 -17.41 11.03 6.89
CA SER B 25 -18.25 12.07 7.46
C SER B 25 -17.84 12.41 8.91
N ILE B 26 -17.58 11.38 9.73
CA ILE B 26 -17.12 11.59 11.10
C ILE B 26 -15.73 12.24 11.15
N ALA B 27 -14.82 11.76 10.29
CA ALA B 27 -13.46 12.27 10.20
C ALA B 27 -13.43 13.72 9.70
N ASP B 28 -14.22 14.01 8.67
CA ASP B 28 -14.30 15.36 8.13
C ASP B 28 -14.80 16.36 9.17
N GLU B 29 -15.84 15.97 9.90
CA GLU B 29 -16.39 16.82 10.96
C GLU B 29 -15.37 17.02 12.09
N SER B 30 -14.57 15.98 12.35
CA SER B 30 -13.61 16.01 13.43
C SER B 30 -12.25 16.60 13.03
N ASN B 31 -12.07 16.80 11.72
CA ASN B 31 -10.82 17.34 11.15
C ASN B 31 -9.63 16.39 11.38
N VAL B 32 -9.88 15.10 11.17
CA VAL B 32 -8.85 14.07 11.31
C VAL B 32 -8.79 13.21 10.03
N PRO B 33 -7.66 12.58 9.75
CA PRO B 33 -7.59 11.60 8.66
C PRO B 33 -8.54 10.44 9.00
N PRO B 34 -9.23 9.89 7.99
CA PRO B 34 -10.21 8.82 8.21
C PRO B 34 -9.70 7.68 9.12
N TYR B 35 -8.45 7.25 8.95
CA TYR B 35 -7.94 6.07 9.67
C TYR B 35 -7.98 6.24 11.18
N VAL B 36 -7.92 7.50 11.62
CA VAL B 36 -7.93 7.85 13.05
C VAL B 36 -9.25 7.49 13.73
N VAL B 37 -10.34 7.52 12.96
CA VAL B 37 -11.62 7.00 13.44
C VAL B 37 -11.55 5.46 13.54
N PHE B 38 -11.50 4.79 12.39
CA PHE B 38 -11.16 3.36 12.31
C PHE B 38 -10.31 3.15 11.07
N ASN B 39 -9.28 2.30 11.16
CA ASN B 39 -8.46 2.01 9.99
C ASN B 39 -9.21 1.15 8.97
N ASP B 40 -8.64 1.05 7.76
CA ASP B 40 -9.28 0.29 6.68
C ASP B 40 -9.55 -1.15 7.08
N ALA B 41 -8.57 -1.78 7.75
CA ALA B 41 -8.68 -3.20 8.11
C ALA B 41 -9.85 -3.43 9.07
N THR B 42 -10.06 -2.48 9.98
CA THR B 42 -11.19 -2.53 10.90
C THR B 42 -12.54 -2.47 10.16
N LEU B 43 -12.66 -1.55 9.20
CA LEU B 43 -13.87 -1.46 8.38
C LEU B 43 -14.14 -2.75 7.61
N ILE B 44 -13.08 -3.33 7.06
CA ILE B 44 -13.20 -4.61 6.35
C ILE B 44 -13.72 -5.73 7.25
N GLU B 45 -13.22 -5.79 8.48
CA GLU B 45 -13.72 -6.78 9.44
C GLU B 45 -15.19 -6.55 9.78
N ALA B 47 -17.31 -5.20 7.75
CA ALA B 47 -18.01 -5.64 6.54
C ALA B 47 -18.07 -7.17 6.46
N GLU B 48 -17.10 -7.83 7.09
CA GLU B 48 -17.02 -9.29 7.09
C GLU B 48 -17.99 -9.88 8.10
N GLN B 49 -17.91 -9.41 9.34
CA GLN B 49 -18.61 -10.02 10.45
C GLN B 49 -19.93 -9.36 10.75
N PRO B 51 -20.99 -6.76 12.76
CA PRO B 51 -21.32 -6.67 14.20
C PRO B 51 -22.47 -5.69 14.48
N ILE B 52 -23.45 -6.15 15.26
CA ILE B 52 -24.60 -5.32 15.58
C ILE B 52 -24.63 -4.93 17.06
N THR B 53 -24.34 -5.89 17.93
CA THR B 53 -24.27 -5.60 19.37
C THR B 53 -22.93 -5.00 19.79
N ALA B 54 -22.91 -4.40 20.97
CA ALA B 54 -21.70 -3.82 21.54
C ALA B 54 -20.61 -4.87 21.68
N SER B 55 -20.99 -6.06 22.15
CA SER B 55 -20.07 -7.16 22.31
C SER B 55 -19.50 -7.64 20.98
N GLU B 56 -20.34 -7.65 19.94
CA GLU B 56 -19.89 -8.04 18.62
C GLU B 56 -18.94 -7.00 18.05
N LEU B 58 -17.04 -4.94 19.86
CA LEU B 58 -15.81 -5.04 20.63
C LEU B 58 -14.93 -6.23 20.22
N SER B 59 -15.52 -7.22 19.54
CA SER B 59 -14.74 -8.37 19.01
C SER B 59 -13.91 -8.00 17.79
N VAL B 60 -14.25 -6.89 17.15
CA VAL B 60 -13.55 -6.41 15.95
C VAL B 60 -12.21 -5.77 16.33
N ASN B 61 -11.14 -6.20 15.66
CA ASN B 61 -9.81 -5.64 15.90
C ASN B 61 -9.79 -4.11 15.72
N GLY B 62 -9.22 -3.42 16.69
CA GLY B 62 -9.13 -1.96 16.65
C GLY B 62 -10.35 -1.24 17.22
N VAL B 63 -11.30 -1.98 17.81
CA VAL B 63 -12.46 -1.36 18.46
C VAL B 63 -12.41 -1.60 19.97
N GLY B 64 -11.92 -0.61 20.71
CA GLY B 64 -11.95 -0.68 22.16
C GLY B 64 -13.19 0.01 22.70
N ARG B 66 -13.25 2.87 24.39
CA ARG B 66 -13.16 4.31 24.11
C ARG B 66 -13.76 4.67 22.75
N LYS B 67 -13.34 3.96 21.71
CA LYS B 67 -13.88 4.20 20.36
C LYS B 67 -15.37 3.88 20.27
N LEU B 68 -15.78 2.81 20.95
CA LEU B 68 -17.18 2.39 20.98
C LEU B 68 -18.08 3.49 21.53
N GLU B 69 -17.71 4.06 22.67
CA GLU B 69 -18.46 5.16 23.27
C GLU B 69 -18.52 6.36 22.31
N ARG B 70 -17.39 6.64 21.66
CA ARG B 70 -17.26 7.80 20.78
C ARG B 70 -17.91 7.62 19.41
N PHE B 71 -17.63 6.50 18.74
CA PHE B 71 -18.05 6.29 17.34
C PHE B 71 -19.03 5.13 17.17
N GLY B 72 -19.25 4.36 18.23
CA GLY B 72 -19.92 3.07 18.13
C GLY B 72 -21.33 3.07 17.58
N LYS B 73 -22.20 3.90 18.16
CA LYS B 73 -23.63 3.86 17.85
C LYS B 73 -23.99 4.10 16.36
N PRO B 74 -23.39 5.12 15.72
CA PRO B 74 -23.60 5.35 14.29
C PRO B 74 -23.20 4.16 13.41
N PHE B 75 -22.09 3.50 13.75
CA PHE B 75 -21.65 2.35 12.96
C PHE B 75 -22.56 1.14 13.18
N ALA B 77 -25.76 1.26 14.05
CA ALA B 77 -27.02 1.61 13.37
C ALA B 77 -26.91 1.38 11.86
N LEU B 78 -25.81 1.83 11.26
CA LEU B 78 -25.55 1.62 9.83
C LEU B 78 -25.53 0.13 9.47
N ILE B 79 -24.76 -0.67 10.21
CA ILE B 79 -24.65 -2.09 9.88
C ILE B 79 -26.02 -2.79 10.00
N ARG B 80 -26.73 -2.48 11.08
CA ARG B 80 -28.05 -3.04 11.33
C ARG B 80 -29.05 -2.69 10.21
N ALA B 81 -29.09 -1.41 9.83
CA ALA B 81 -29.98 -0.97 8.75
C ALA B 81 -29.64 -1.64 7.41
N HIS B 82 -28.35 -1.91 7.19
CA HIS B 82 -27.93 -2.63 6.00
C HIS B 82 -28.41 -4.09 6.00
N VAL B 83 -28.20 -4.80 7.11
CA VAL B 83 -28.53 -6.22 7.17
C VAL B 83 -30.04 -6.47 7.11
N ASP B 84 -30.81 -5.48 7.57
CA ASP B 84 -32.26 -5.60 7.64
C ASP B 84 -32.97 -5.08 6.38
N GLY B 85 -32.30 -4.19 5.64
CA GLY B 85 -32.83 -3.65 4.40
C GLY B 85 -33.56 -2.32 4.55
N ASP B 86 -33.09 -1.49 5.48
CA ASP B 86 -33.72 -0.19 5.76
C ASP B 86 -33.22 0.88 4.78
N TYR C 11 -1.22 2.06 -17.05
CA TYR C 11 -0.91 2.57 -15.68
C TYR C 11 -1.99 3.52 -15.17
N ASP C 12 -2.30 3.40 -13.88
CA ASP C 12 -3.27 4.28 -13.24
C ASP C 12 -2.61 5.16 -12.19
N ARG C 13 -2.56 6.45 -12.46
CA ARG C 13 -1.91 7.41 -11.58
C ARG C 13 -2.78 7.69 -10.36
N LYS C 14 -4.09 7.79 -10.59
CA LYS C 14 -5.05 8.02 -9.52
C LYS C 14 -5.00 6.90 -8.48
N LEU C 15 -4.94 5.66 -8.97
CA LEU C 15 -4.81 4.51 -8.08
C LEU C 15 -3.48 4.56 -7.31
N PHE C 16 -2.41 4.97 -7.99
CA PHE C 16 -1.11 5.07 -7.35
C PHE C 16 -1.12 6.07 -6.19
N ALA C 17 -1.79 7.22 -6.40
CA ALA C 17 -1.96 8.21 -5.35
C ALA C 17 -2.77 7.65 -4.17
N LYS C 18 -3.82 6.91 -4.48
CA LYS C 18 -4.63 6.25 -3.46
C LYS C 18 -3.84 5.20 -2.66
N LEU C 19 -3.00 4.41 -3.36
CA LEU C 19 -2.12 3.44 -2.70
C LEU C 19 -1.11 4.10 -1.74
N ARG C 20 -0.52 5.21 -2.18
CA ARG C 20 0.42 5.96 -1.35
C ARG C 20 -0.23 6.48 -0.08
N LYS C 21 -1.45 7.00 -0.21
CA LYS C 21 -2.26 7.47 0.92
C LYS C 21 -2.60 6.35 1.91
N LEU C 22 -2.98 5.18 1.41
CA LEU C 22 -3.26 4.04 2.29
C LEU C 22 -2.00 3.60 3.05
N ARG C 23 -0.87 3.52 2.32
CA ARG C 23 0.39 3.13 2.95
C ARG C 23 0.80 4.13 4.03
N LYS C 24 0.58 5.42 3.77
CA LYS C 24 0.88 6.47 4.75
C LYS C 24 0.04 6.30 6.01
N SER C 25 -1.26 6.05 5.83
CA SER C 25 -2.19 5.81 6.93
C SER C 25 -1.76 4.64 7.81
N ILE C 26 -1.44 3.51 7.17
CA ILE C 26 -1.01 2.31 7.90
C ILE C 26 0.32 2.56 8.63
N ALA C 27 1.27 3.20 7.96
CA ALA C 27 2.58 3.47 8.50
C ALA C 27 2.55 4.46 9.66
N ASP C 28 1.73 5.52 9.52
CA ASP C 28 1.55 6.49 10.60
C ASP C 28 0.93 5.85 11.84
N GLU C 29 -0.16 5.09 11.63
CA GLU C 29 -0.83 4.40 12.73
C GLU C 29 0.10 3.39 13.42
N SER C 30 0.86 2.66 12.60
CA SER C 30 1.81 1.66 13.10
C SER C 30 3.11 2.29 13.59
N ASN C 31 3.31 3.58 13.30
CA ASN C 31 4.50 4.32 13.72
C ASN C 31 5.79 3.72 13.12
N VAL C 32 5.75 3.44 11.82
CA VAL C 32 6.91 2.94 11.09
C VAL C 32 7.09 3.79 9.83
N PRO C 33 8.31 3.88 9.30
CA PRO C 33 8.52 4.52 7.99
C PRO C 33 7.67 3.83 6.93
N PRO C 34 7.11 4.61 6.00
CA PRO C 34 6.23 4.07 4.95
C PRO C 34 6.86 2.87 4.21
N TYR C 35 8.15 2.94 3.89
CA TYR C 35 8.81 1.86 3.13
C TYR C 35 8.78 0.50 3.85
N VAL C 36 8.69 0.54 5.18
CA VAL C 36 8.59 -0.68 5.99
C VAL C 36 7.31 -1.46 5.66
N VAL C 37 6.24 -0.73 5.31
CA VAL C 37 5.00 -1.34 4.84
C VAL C 37 5.20 -1.92 3.44
N PHE C 38 5.35 -1.04 2.45
CA PHE C 38 5.78 -1.42 1.09
C PHE C 38 6.67 -0.32 0.52
N ASN C 39 7.61 -0.71 -0.33
CA ASN C 39 8.40 0.29 -1.04
C ASN C 39 7.65 0.82 -2.27
N ASP C 40 8.18 1.85 -2.90
CA ASP C 40 7.52 2.47 -4.05
C ASP C 40 7.35 1.55 -5.27
N ALA C 41 8.31 0.67 -5.50
CA ALA C 41 8.24 -0.24 -6.66
C ALA C 41 7.10 -1.26 -6.55
N THR C 42 6.83 -1.71 -5.33
CA THR C 42 5.68 -2.57 -5.04
C THR C 42 4.36 -1.84 -5.36
N LEU C 43 4.27 -0.59 -4.94
CA LEU C 43 3.08 0.23 -5.18
C LEU C 43 2.87 0.47 -6.69
N ILE C 44 3.97 0.75 -7.40
CA ILE C 44 3.92 0.96 -8.84
C ILE C 44 3.39 -0.26 -9.57
N GLU C 45 3.91 -1.44 -9.21
CA GLU C 45 3.42 -2.69 -9.77
C GLU C 45 1.94 -2.92 -9.46
N ALA C 47 -0.26 -0.55 -8.95
CA ALA C 47 -0.96 0.41 -9.80
C ALA C 47 -0.95 -0.02 -11.28
N GLU C 48 -0.06 -0.95 -11.61
CA GLU C 48 0.02 -1.49 -12.96
C GLU C 48 -0.84 -2.75 -13.11
N GLN C 49 -0.57 -3.76 -12.28
CA GLN C 49 -1.23 -5.05 -12.38
C GLN C 49 -2.65 -5.03 -11.81
N PRO C 51 -3.90 -5.83 -8.70
CA PRO C 51 -4.25 -7.12 -8.08
C PRO C 51 -5.47 -7.03 -7.15
N ILE C 52 -6.40 -7.96 -7.34
CA ILE C 52 -7.66 -7.97 -6.61
C ILE C 52 -7.86 -9.28 -5.84
N THR C 53 -7.05 -10.28 -6.15
CA THR C 53 -7.08 -11.57 -5.45
C THR C 53 -5.76 -11.80 -4.73
N ALA C 54 -5.76 -12.75 -3.79
CA ALA C 54 -4.55 -13.11 -3.05
C ALA C 54 -3.44 -13.56 -3.98
N SER C 55 -3.76 -14.44 -4.93
CA SER C 55 -2.79 -14.95 -5.90
C SER C 55 -2.18 -13.84 -6.74
N GLU C 56 -3.02 -12.93 -7.23
CA GLU C 56 -2.57 -11.77 -8.00
C GLU C 56 -1.63 -10.88 -7.18
N LEU C 58 0.31 -11.89 -4.68
CA LEU C 58 1.54 -12.63 -4.39
C LEU C 58 2.55 -12.63 -5.53
N SER C 59 2.11 -12.25 -6.73
CA SER C 59 3.00 -12.14 -7.88
C SER C 59 3.67 -10.76 -7.96
N VAL C 60 3.12 -9.79 -7.21
CA VAL C 60 3.71 -8.47 -7.06
C VAL C 60 4.99 -8.55 -6.23
N ASN C 61 6.08 -7.99 -6.74
CA ASN C 61 7.35 -8.01 -6.02
C ASN C 61 7.26 -7.24 -4.71
N GLY C 62 7.89 -7.78 -3.67
CA GLY C 62 7.85 -7.19 -2.35
C GLY C 62 6.73 -7.73 -1.50
N VAL C 63 5.76 -8.38 -2.15
CA VAL C 63 4.62 -8.96 -1.45
C VAL C 63 4.83 -10.45 -1.20
N GLY C 64 5.24 -10.78 0.01
CA GLY C 64 5.30 -12.17 0.45
C GLY C 64 4.08 -12.51 1.28
N ARG C 66 3.93 -12.94 4.45
CA ARG C 66 3.99 -12.15 5.68
C ARG C 66 3.29 -10.79 5.49
N LYS C 67 3.66 -10.09 4.42
CA LYS C 67 3.08 -8.79 4.09
C LYS C 67 1.61 -8.93 3.67
N LEU C 68 1.28 -10.05 3.04
CA LEU C 68 -0.08 -10.31 2.60
C LEU C 68 -1.05 -10.47 3.79
N GLU C 69 -0.61 -11.15 4.84
CA GLU C 69 -1.42 -11.34 6.04
C GLU C 69 -1.61 -10.02 6.80
N ARG C 70 -0.53 -9.28 7.00
CA ARG C 70 -0.56 -8.04 7.78
C ARG C 70 -1.26 -6.88 7.06
N PHE C 71 -1.01 -6.74 5.75
CA PHE C 71 -1.42 -5.55 5.00
C PHE C 71 -2.33 -5.83 3.80
N GLY C 72 -2.50 -7.09 3.44
CA GLY C 72 -3.08 -7.47 2.16
C GLY C 72 -4.52 -7.02 1.92
N LYS C 73 -5.36 -7.19 2.94
CA LYS C 73 -6.79 -6.91 2.81
C LYS C 73 -7.13 -5.44 2.48
N PRO C 74 -6.61 -4.50 3.27
CA PRO C 74 -6.82 -3.07 2.99
C PRO C 74 -6.41 -2.68 1.59
N PHE C 75 -5.28 -3.22 1.13
CA PHE C 75 -4.76 -2.88 -0.20
C PHE C 75 -5.60 -3.49 -1.31
N ALA C 77 -8.72 -4.36 -1.05
CA ALA C 77 -10.02 -3.70 -0.98
C ALA C 77 -9.98 -2.35 -1.68
N LEU C 78 -8.89 -1.60 -1.47
CA LEU C 78 -8.69 -0.31 -2.11
C LEU C 78 -8.67 -0.41 -3.64
N ILE C 79 -7.92 -1.40 -4.15
CA ILE C 79 -7.80 -1.61 -5.59
C ILE C 79 -9.15 -2.03 -6.20
N ARG C 80 -9.78 -3.03 -5.59
CA ARG C 80 -11.11 -3.50 -5.99
C ARG C 80 -12.14 -2.35 -6.08
N ALA C 81 -12.19 -1.51 -5.05
CA ALA C 81 -13.13 -0.38 -4.99
C ALA C 81 -12.85 0.66 -6.08
N HIS C 82 -11.56 0.92 -6.33
CA HIS C 82 -11.15 1.85 -7.39
C HIS C 82 -11.56 1.35 -8.78
N VAL C 83 -11.30 0.06 -9.06
CA VAL C 83 -11.62 -0.54 -10.36
C VAL C 83 -13.14 -0.64 -10.57
N ASP C 84 -13.87 -0.96 -9.50
CA ASP C 84 -15.32 -1.08 -9.58
C ASP C 84 -16.02 0.27 -9.69
N GLY C 85 -15.27 1.35 -9.48
CA GLY C 85 -15.79 2.70 -9.62
C GLY C 85 -16.53 3.20 -8.39
N ASP C 86 -16.13 2.69 -7.22
CA ASP C 86 -16.65 3.18 -5.95
C ASP C 86 -15.68 4.21 -5.35
#